data_6K90
#
_entry.id   6K90
#
_cell.length_a   54.550
_cell.length_b   71.410
_cell.length_c   76.880
_cell.angle_alpha   90.00
_cell.angle_beta   99.07
_cell.angle_gamma   90.00
#
_symmetry.space_group_name_H-M   'P 1 21 1'
#
loop_
_entity.id
_entity.type
_entity.pdbx_description
1 polymer 'Pyridoxal kinase, putative'
2 non-polymer 4-(AMINOMETHYL)-5-(HYDROXYMETHYL)-2-METHYLPYRIDIN-3-OL
3 non-polymer "ADENOSINE-5'-DIPHOSPHATE"
4 non-polymer 'CALCIUM ION'
5 non-polymer 'PHOSPHATE ION'
6 non-polymer 'CHLORIDE ION'
7 water water
#
_entity_poly.entity_id   1
_entity_poly.type   'polypeptide(L)'
_entity_poly.pdbx_seq_one_letter_code
;MGSSHHHHHHSSGLVPRGSHMTDDKHVLSIQSHVTHGYVGNKAATFPLQLHGFDVDAINTVSLSNHSGYPVIKGHRMDLE
EFTTIMEGLRANDFLSDYAYVLTGYINNRDIVRQVAATVAEIREARQKQGKKDAVFFCDPVMGDDGRLYCKEEVVEAYRE
LLTHADVATPNYFEASILSTVEVKDLASAIEAANWFHTQGTPTVVIKSFAMADDPTHLRFLLSCRDKATGSTKRYTGVVP
YHEGRYTGTGDVFAASLVAFAHSDPMDLAVGKAMGVLQDLIKATIERGGSGKATLSSRELRVTSYPDRLQHPSSVALVTP
LP
;
_entity_poly.pdbx_strand_id   A,B
#
# COMPACT_ATOMS: atom_id res chain seq x y z
N ASP A 24 -18.76 8.18 2.80
CA ASP A 24 -19.12 7.61 1.47
C ASP A 24 -17.91 6.91 0.86
N LYS A 25 -16.67 7.42 1.02
CA LYS A 25 -15.50 7.07 0.16
C LYS A 25 -14.60 6.07 0.89
N HIS A 26 -15.18 4.93 1.18
CA HIS A 26 -14.50 3.81 1.89
CA HIS A 26 -14.49 3.83 1.88
C HIS A 26 -14.69 2.56 1.05
N VAL A 27 -13.60 1.88 0.71
CA VAL A 27 -13.53 0.69 -0.18
CA VAL A 27 -13.64 0.65 -0.13
C VAL A 27 -12.94 -0.48 0.63
N LEU A 28 -13.59 -1.62 0.62
CA LEU A 28 -12.93 -2.87 1.06
C LEU A 28 -12.39 -3.51 -0.21
N SER A 29 -11.07 -3.66 -0.31
CA SER A 29 -10.34 -4.16 -1.51
C SER A 29 -9.66 -5.48 -1.14
N ILE A 30 -10.13 -6.53 -1.80
CA ILE A 30 -9.70 -7.93 -1.55
C ILE A 30 -8.91 -8.35 -2.78
N GLN A 31 -7.57 -8.33 -2.67
CA GLN A 31 -6.62 -8.47 -3.79
C GLN A 31 -5.27 -8.91 -3.23
N SER A 32 -4.35 -9.20 -4.14
CA SER A 32 -2.97 -9.63 -3.80
C SER A 32 -2.18 -8.46 -3.21
N HIS A 33 -1.18 -8.78 -2.41
CA HIS A 33 -0.04 -7.88 -2.07
C HIS A 33 1.27 -8.45 -2.65
N VAL A 34 2.03 -7.62 -3.36
CA VAL A 34 3.39 -8.00 -3.83
C VAL A 34 4.37 -7.01 -3.24
N THR A 35 5.56 -7.50 -2.87
CA THR A 35 6.65 -6.61 -2.37
C THR A 35 7.17 -5.77 -3.54
N HIS A 36 7.64 -6.44 -4.59
CA HIS A 36 8.16 -5.83 -5.84
C HIS A 36 7.03 -5.67 -6.84
N GLY A 37 6.99 -4.51 -7.48
CA GLY A 37 6.16 -4.31 -8.67
C GLY A 37 4.73 -3.89 -8.31
N TYR A 38 3.89 -3.80 -9.33
CA TYR A 38 2.59 -3.08 -9.24
C TYR A 38 1.48 -3.93 -9.86
N VAL A 39 0.95 -4.80 -9.02
CA VAL A 39 -0.31 -5.52 -9.27
C VAL A 39 -1.14 -5.53 -7.98
N GLY A 40 -2.38 -5.98 -8.10
CA GLY A 40 -3.35 -6.13 -7.00
C GLY A 40 -3.46 -4.89 -6.15
N ASN A 41 -3.42 -5.07 -4.82
CA ASN A 41 -3.74 -4.01 -3.85
C ASN A 41 -2.71 -2.87 -3.95
N LYS A 42 -1.48 -3.18 -4.34
CA LYS A 42 -0.45 -2.12 -4.42
C LYS A 42 -0.80 -1.14 -5.55
N ALA A 43 -1.16 -1.71 -6.70
CA ALA A 43 -1.65 -0.98 -7.90
C ALA A 43 -2.97 -0.23 -7.65
N ALA A 44 -3.91 -0.79 -6.90
CA ALA A 44 -5.27 -0.23 -6.74
C ALA A 44 -5.25 0.85 -5.66
N THR A 45 -4.38 0.71 -4.64
CA THR A 45 -4.52 1.49 -3.40
C THR A 45 -4.12 2.96 -3.64
N PHE A 46 -2.96 3.21 -4.23
CA PHE A 46 -2.45 4.58 -4.47
C PHE A 46 -3.45 5.40 -5.28
N PRO A 47 -3.94 4.93 -6.44
CA PRO A 47 -4.97 5.67 -7.18
C PRO A 47 -6.20 5.99 -6.33
N LEU A 48 -6.75 4.98 -5.65
CA LEU A 48 -7.96 5.22 -4.83
C LEU A 48 -7.67 6.27 -3.73
N GLN A 49 -6.50 6.20 -3.08
CA GLN A 49 -6.12 7.20 -2.02
C GLN A 49 -6.02 8.60 -2.63
N LEU A 50 -5.46 8.73 -3.80
CA LEU A 50 -5.34 10.05 -4.48
C LEU A 50 -6.73 10.60 -4.79
N HIS A 51 -7.70 9.73 -5.04
CA HIS A 51 -9.11 10.15 -5.30
C HIS A 51 -9.87 10.40 -4.00
N GLY A 52 -9.22 10.25 -2.84
CA GLY A 52 -9.79 10.57 -1.55
C GLY A 52 -10.51 9.40 -0.90
N PHE A 53 -10.22 8.15 -1.32
CA PHE A 53 -10.87 6.97 -0.69
C PHE A 53 -9.99 6.43 0.43
N ASP A 54 -10.61 5.98 1.51
CA ASP A 54 -9.93 5.06 2.45
C ASP A 54 -10.06 3.66 1.86
N VAL A 55 -8.91 3.05 1.61
CA VAL A 55 -8.84 1.66 1.08
C VAL A 55 -8.50 0.75 2.26
N ASP A 56 -9.45 -0.10 2.62
CA ASP A 56 -9.27 -1.18 3.60
C ASP A 56 -8.88 -2.43 2.80
N ALA A 57 -7.61 -2.82 2.79
CA ALA A 57 -7.08 -3.93 1.97
C ALA A 57 -7.06 -5.23 2.77
N ILE A 58 -7.69 -6.28 2.21
CA ILE A 58 -7.45 -7.68 2.64
C ILE A 58 -6.54 -8.29 1.59
N ASN A 59 -5.37 -8.73 2.01
CA ASN A 59 -4.31 -9.21 1.10
C ASN A 59 -4.44 -10.74 1.02
N THR A 60 -4.96 -11.23 -0.09
CA THR A 60 -5.27 -12.67 -0.30
C THR A 60 -3.98 -13.49 -0.42
N VAL A 61 -2.91 -12.84 -0.86
CA VAL A 61 -1.54 -13.44 -0.91
C VAL A 61 -0.58 -12.32 -0.52
N SER A 62 0.59 -12.70 -0.05
CA SER A 62 1.69 -11.76 0.24
C SER A 62 2.92 -12.35 -0.42
N LEU A 63 3.21 -11.88 -1.62
CA LEU A 63 4.22 -12.53 -2.49
C LEU A 63 5.37 -11.57 -2.79
N SER A 64 6.49 -12.14 -3.18
CA SER A 64 7.69 -11.36 -3.55
C SER A 64 7.39 -10.50 -4.79
N ASN A 65 6.55 -10.96 -5.71
CA ASN A 65 6.35 -10.32 -7.04
C ASN A 65 5.20 -11.02 -7.73
N HIS A 66 4.82 -10.54 -8.90
CA HIS A 66 3.70 -11.09 -9.69
C HIS A 66 4.14 -12.41 -10.33
N SER A 67 3.15 -13.19 -10.78
CA SER A 67 3.24 -14.55 -11.36
C SER A 67 4.05 -14.58 -12.66
N GLY A 68 4.29 -13.43 -13.29
CA GLY A 68 5.01 -13.30 -14.57
C GLY A 68 6.51 -13.62 -14.41
N TYR A 69 7.08 -13.46 -13.22
CA TYR A 69 8.55 -13.64 -13.01
C TYR A 69 8.84 -15.13 -12.93
N PRO A 70 10.11 -15.52 -13.22
CA PRO A 70 10.57 -16.90 -13.13
C PRO A 70 10.28 -17.56 -11.78
N VAL A 71 10.39 -16.77 -10.70
CA VAL A 71 10.26 -17.24 -9.30
C VAL A 71 9.21 -16.35 -8.61
N ILE A 72 8.35 -16.97 -7.83
CA ILE A 72 7.32 -16.29 -7.01
C ILE A 72 7.28 -16.98 -5.65
N LYS A 73 7.43 -16.21 -4.59
CA LYS A 73 7.56 -16.78 -3.23
C LYS A 73 6.68 -15.98 -2.31
N GLY A 74 6.05 -16.67 -1.37
CA GLY A 74 5.44 -16.06 -0.19
C GLY A 74 4.21 -16.78 0.26
N HIS A 75 3.37 -16.06 0.97
CA HIS A 75 2.26 -16.62 1.76
C HIS A 75 0.95 -16.44 1.00
N ARG A 76 0.07 -17.44 1.11
CA ARG A 76 -1.28 -17.43 0.51
C ARG A 76 -2.30 -17.65 1.61
N MET A 77 -3.33 -16.81 1.69
CA MET A 77 -4.48 -17.01 2.59
C MET A 77 -5.14 -18.36 2.33
N ASP A 78 -5.65 -18.99 3.37
CA ASP A 78 -6.69 -20.03 3.24
C ASP A 78 -7.98 -19.38 3.74
N LEU A 79 -9.07 -20.12 3.65
CA LEU A 79 -10.40 -19.57 4.01
C LEU A 79 -10.37 -19.11 5.47
N GLU A 80 -9.70 -19.86 6.34
CA GLU A 80 -9.68 -19.55 7.80
C GLU A 80 -9.01 -18.18 8.00
N GLU A 81 -7.93 -17.88 7.27
CA GLU A 81 -7.26 -16.57 7.46
C GLU A 81 -8.20 -15.44 7.04
N PHE A 82 -8.98 -15.67 5.97
CA PHE A 82 -9.94 -14.67 5.44
C PHE A 82 -11.06 -14.44 6.46
N THR A 83 -11.66 -15.51 6.99
CA THR A 83 -12.77 -15.36 7.96
C THR A 83 -12.20 -14.77 9.24
N THR A 84 -10.95 -15.07 9.61
CA THR A 84 -10.33 -14.42 10.80
C THR A 84 -10.29 -12.90 10.61
N ILE A 85 -9.86 -12.39 9.44
CA ILE A 85 -9.85 -10.91 9.25
C ILE A 85 -11.27 -10.38 9.31
N MET A 86 -12.21 -11.06 8.64
CA MET A 86 -13.62 -10.64 8.61
C MET A 86 -14.14 -10.52 10.06
N GLU A 87 -13.78 -11.44 10.96
CA GLU A 87 -14.24 -11.38 12.40
C GLU A 87 -13.75 -10.08 13.05
N GLY A 88 -12.50 -9.68 12.82
CA GLY A 88 -11.94 -8.41 13.34
C GLY A 88 -12.71 -7.24 12.79
N LEU A 89 -13.05 -7.27 11.51
CA LEU A 89 -13.82 -6.16 10.88
C LEU A 89 -15.23 -6.12 11.47
N ARG A 90 -15.84 -7.28 11.69
CA ARG A 90 -17.23 -7.41 12.23
C ARG A 90 -17.28 -6.91 13.68
N ALA A 91 -16.37 -7.40 14.52
CA ALA A 91 -16.36 -7.16 15.97
C ALA A 91 -16.12 -5.67 16.22
N ASN A 92 -15.38 -4.97 15.35
CA ASN A 92 -15.09 -3.53 15.54
C ASN A 92 -16.14 -2.68 14.80
N ASP A 93 -17.16 -3.29 14.21
CA ASP A 93 -18.28 -2.54 13.58
C ASP A 93 -17.73 -1.74 12.39
N PHE A 94 -16.83 -2.31 11.61
CA PHE A 94 -16.28 -1.58 10.43
C PHE A 94 -17.07 -1.89 9.16
N LEU A 95 -17.87 -2.95 9.13
CA LEU A 95 -18.53 -3.46 7.89
C LEU A 95 -19.50 -2.43 7.28
N SER A 96 -20.21 -1.65 8.09
CA SER A 96 -21.16 -0.63 7.58
C SER A 96 -20.41 0.52 6.88
N ASP A 97 -19.08 0.69 7.06
CA ASP A 97 -18.26 1.76 6.42
C ASP A 97 -18.11 1.49 4.92
N TYR A 98 -18.24 0.26 4.47
CA TYR A 98 -17.81 -0.10 3.09
C TYR A 98 -18.93 0.24 2.10
N ALA A 99 -18.87 1.43 1.51
CA ALA A 99 -19.76 1.88 0.42
C ALA A 99 -19.43 1.15 -0.88
N TYR A 100 -18.20 0.63 -0.98
CA TYR A 100 -17.68 -0.07 -2.15
C TYR A 100 -16.94 -1.31 -1.66
N VAL A 101 -17.18 -2.41 -2.38
CA VAL A 101 -16.35 -3.64 -2.28
C VAL A 101 -15.72 -3.88 -3.64
N LEU A 102 -14.42 -4.11 -3.68
CA LEU A 102 -13.64 -4.34 -4.90
C LEU A 102 -12.85 -5.63 -4.70
N THR A 103 -13.08 -6.63 -5.53
CA THR A 103 -12.28 -7.87 -5.50
C THR A 103 -11.50 -8.02 -6.78
N GLY A 104 -10.24 -8.45 -6.65
CA GLY A 104 -9.32 -8.82 -7.74
C GLY A 104 -8.71 -10.16 -7.41
N TYR A 105 -7.39 -10.24 -7.37
CA TYR A 105 -6.67 -11.53 -7.27
C TYR A 105 -7.04 -12.21 -5.95
N ILE A 106 -7.62 -13.39 -6.04
CA ILE A 106 -7.93 -14.26 -4.87
C ILE A 106 -7.29 -15.63 -5.14
N ASN A 107 -7.65 -16.27 -6.26
CA ASN A 107 -7.03 -17.57 -6.69
C ASN A 107 -7.25 -18.61 -5.58
N ASN A 108 -8.43 -18.60 -4.99
CA ASN A 108 -8.77 -19.52 -3.89
C ASN A 108 -10.26 -19.74 -3.97
N ARG A 109 -10.66 -20.95 -4.35
CA ARG A 109 -12.09 -21.23 -4.65
C ARG A 109 -12.92 -20.92 -3.41
N ASP A 110 -12.45 -21.28 -2.22
CA ASP A 110 -13.23 -21.10 -0.99
C ASP A 110 -13.41 -19.59 -0.66
N ILE A 111 -12.35 -18.81 -0.78
CA ILE A 111 -12.42 -17.35 -0.49
C ILE A 111 -13.30 -16.69 -1.56
N VAL A 112 -13.12 -17.03 -2.85
CA VAL A 112 -14.06 -16.49 -3.89
C VAL A 112 -15.52 -16.76 -3.47
N ARG A 113 -15.84 -17.98 -3.02
CA ARG A 113 -17.22 -18.38 -2.64
C ARG A 113 -17.70 -17.49 -1.48
N GLN A 114 -16.79 -17.21 -0.54
CA GLN A 114 -17.07 -16.48 0.74
C GLN A 114 -17.33 -14.99 0.48
N VAL A 115 -16.84 -14.42 -0.61
CA VAL A 115 -17.10 -12.97 -0.94
C VAL A 115 -18.62 -12.67 -1.01
N ALA A 116 -19.46 -13.56 -1.55
CA ALA A 116 -20.91 -13.28 -1.63
C ALA A 116 -21.49 -13.07 -0.22
N ALA A 117 -21.13 -13.94 0.72
CA ALA A 117 -21.59 -13.80 2.12
C ALA A 117 -21.05 -12.49 2.71
N THR A 118 -19.78 -12.15 2.48
CA THR A 118 -19.15 -10.89 2.96
C THR A 118 -19.93 -9.66 2.47
N VAL A 119 -20.29 -9.66 1.19
CA VAL A 119 -20.96 -8.49 0.56
C VAL A 119 -22.36 -8.40 1.16
N ALA A 120 -23.05 -9.52 1.31
CA ALA A 120 -24.42 -9.57 1.86
C ALA A 120 -24.40 -9.03 3.29
N GLU A 121 -23.39 -9.43 4.04
CA GLU A 121 -23.24 -8.98 5.44
C GLU A 121 -23.01 -7.48 5.46
N ILE A 122 -22.18 -6.96 4.55
CA ILE A 122 -21.98 -5.49 4.44
C ILE A 122 -23.31 -4.78 4.08
N ARG A 123 -24.06 -5.31 3.13
CA ARG A 123 -25.35 -4.66 2.73
C ARG A 123 -26.30 -4.58 3.93
N GLU A 124 -26.37 -5.64 4.74
CA GLU A 124 -27.27 -5.68 5.92
C GLU A 124 -26.74 -4.69 6.97
N ALA A 125 -25.42 -4.64 7.22
CA ALA A 125 -24.87 -3.68 8.21
C ALA A 125 -25.22 -2.25 7.77
N ARG A 126 -25.18 -2.00 6.46
CA ARG A 126 -25.35 -0.61 5.95
C ARG A 126 -26.79 -0.16 6.11
N GLN A 127 -27.72 -1.03 5.77
CA GLN A 127 -29.15 -0.75 5.96
C GLN A 127 -29.46 -0.55 7.46
N LYS A 128 -28.89 -1.38 8.36
CA LYS A 128 -29.10 -1.18 9.82
C LYS A 128 -28.62 0.23 10.24
N GLN A 129 -27.64 0.83 9.54
CA GLN A 129 -27.20 2.22 9.86
C GLN A 129 -27.90 3.25 8.96
N GLY A 130 -28.94 2.91 8.20
CA GLY A 130 -29.55 3.89 7.25
C GLY A 130 -28.54 4.47 6.28
N LYS A 131 -27.66 3.61 5.73
CA LYS A 131 -26.71 4.01 4.65
C LYS A 131 -27.25 3.50 3.31
N LYS A 132 -26.89 4.15 2.23
CA LYS A 132 -27.18 3.65 0.87
C LYS A 132 -26.46 2.29 0.73
N ASP A 133 -27.03 1.45 -0.11
CA ASP A 133 -26.51 0.13 -0.47
C ASP A 133 -25.07 0.27 -0.99
N ALA A 134 -24.26 -0.75 -0.77
CA ALA A 134 -22.88 -0.86 -1.29
C ALA A 134 -22.95 -1.14 -2.78
N VAL A 135 -21.84 -0.89 -3.46
CA VAL A 135 -21.62 -1.35 -4.84
C VAL A 135 -20.42 -2.29 -4.85
N PHE A 136 -20.65 -3.51 -5.31
CA PHE A 136 -19.65 -4.58 -5.35
C PHE A 136 -19.14 -4.66 -6.79
N PHE A 137 -17.86 -4.32 -6.92
CA PHE A 137 -17.08 -4.41 -8.17
C PHE A 137 -16.27 -5.72 -8.14
N CYS A 138 -16.57 -6.63 -9.05
CA CYS A 138 -15.93 -7.96 -9.08
C CYS A 138 -15.04 -8.04 -10.33
N ASP A 139 -13.72 -7.97 -10.14
CA ASP A 139 -12.71 -8.25 -11.19
C ASP A 139 -12.38 -9.72 -11.09
N PRO A 140 -12.86 -10.56 -12.03
CA PRO A 140 -12.75 -12.03 -11.93
C PRO A 140 -11.35 -12.48 -12.36
N VAL A 141 -10.37 -12.27 -11.49
CA VAL A 141 -8.93 -12.36 -11.85
C VAL A 141 -8.53 -13.84 -11.98
N MET A 142 -8.22 -14.26 -13.20
CA MET A 142 -8.02 -15.71 -13.49
C MET A 142 -6.89 -15.96 -14.49
N GLY A 143 -6.66 -15.06 -15.44
CA GLY A 143 -5.71 -15.31 -16.53
C GLY A 143 -5.62 -14.16 -17.49
N ASP A 144 -4.72 -14.28 -18.47
CA ASP A 144 -4.49 -13.25 -19.50
C ASP A 144 -3.69 -13.90 -20.64
N ASP A 145 -3.66 -13.27 -21.84
CA ASP A 145 -2.82 -13.73 -22.98
C ASP A 145 -3.08 -15.23 -23.21
N GLY A 146 -4.34 -15.65 -23.09
CA GLY A 146 -4.86 -17.01 -23.42
C GLY A 146 -4.46 -18.12 -22.44
N ARG A 147 -3.91 -17.80 -21.26
CA ARG A 147 -3.41 -18.76 -20.24
C ARG A 147 -4.07 -18.46 -18.89
N LEU A 148 -4.70 -19.48 -18.30
CA LEU A 148 -5.15 -19.47 -16.88
C LEU A 148 -3.91 -19.31 -16.01
N TYR A 149 -3.90 -18.44 -15.00
CA TYR A 149 -2.86 -18.43 -13.93
C TYR A 149 -3.55 -18.63 -12.58
N CYS A 150 -4.77 -19.17 -12.61
CA CYS A 150 -5.56 -19.59 -11.43
C CYS A 150 -5.90 -21.07 -11.58
N LYS A 151 -6.20 -21.76 -10.49
CA LYS A 151 -6.77 -23.15 -10.53
C LYS A 151 -8.11 -23.15 -11.28
N GLU A 152 -8.44 -24.26 -11.95
CA GLU A 152 -9.64 -24.44 -12.79
C GLU A 152 -10.90 -24.26 -11.94
N GLU A 153 -10.90 -24.82 -10.72
CA GLU A 153 -11.96 -24.72 -9.68
C GLU A 153 -12.44 -23.26 -9.54
N VAL A 154 -11.53 -22.31 -9.75
CA VAL A 154 -11.79 -20.87 -9.43
C VAL A 154 -12.74 -20.29 -10.48
N VAL A 155 -12.69 -20.81 -11.72
CA VAL A 155 -13.54 -20.31 -12.84
C VAL A 155 -15.02 -20.45 -12.45
N GLU A 156 -15.43 -21.62 -11.96
CA GLU A 156 -16.86 -21.83 -11.64
C GLU A 156 -17.23 -20.98 -10.42
N ALA A 157 -16.34 -20.90 -9.44
CA ALA A 157 -16.58 -20.09 -8.24
C ALA A 157 -16.83 -18.63 -8.68
N TYR A 158 -16.12 -18.13 -9.69
CA TYR A 158 -16.40 -16.77 -10.24
C TYR A 158 -17.76 -16.69 -10.93
N ARG A 159 -18.14 -17.71 -11.69
CA ARG A 159 -19.52 -17.74 -12.26
C ARG A 159 -20.56 -17.56 -11.12
N GLU A 160 -20.42 -18.27 -9.99
CA GLU A 160 -21.36 -18.23 -8.84
C GLU A 160 -21.27 -16.86 -8.16
N LEU A 161 -20.09 -16.27 -8.06
CA LEU A 161 -19.98 -14.97 -7.36
C LEU A 161 -20.57 -13.87 -8.23
N LEU A 162 -20.32 -13.91 -9.53
CA LEU A 162 -20.73 -12.85 -10.50
C LEU A 162 -22.26 -12.65 -10.45
N THR A 163 -23.04 -13.65 -10.06
CA THR A 163 -24.51 -13.45 -9.95
C THR A 163 -24.80 -12.41 -8.86
N HIS A 164 -23.88 -12.19 -7.92
CA HIS A 164 -24.05 -11.26 -6.76
C HIS A 164 -23.28 -9.95 -6.99
N ALA A 165 -22.61 -9.78 -8.13
CA ALA A 165 -21.78 -8.59 -8.42
C ALA A 165 -22.66 -7.51 -9.03
N ASP A 166 -22.33 -6.26 -8.71
CA ASP A 166 -23.00 -5.09 -9.33
C ASP A 166 -22.29 -4.75 -10.65
N VAL A 167 -20.95 -4.80 -10.63
CA VAL A 167 -20.12 -4.41 -11.79
C VAL A 167 -19.07 -5.50 -11.95
N ALA A 168 -18.80 -5.91 -13.17
CA ALA A 168 -17.69 -6.85 -13.45
C ALA A 168 -16.79 -6.31 -14.54
N THR A 169 -15.49 -6.58 -14.43
CA THR A 169 -14.42 -5.97 -15.26
C THR A 169 -13.48 -7.05 -15.78
N PRO A 170 -14.01 -8.08 -16.45
CA PRO A 170 -13.18 -9.12 -17.02
C PRO A 170 -12.32 -8.60 -18.18
N ASN A 171 -11.12 -9.14 -18.30
CA ASN A 171 -10.33 -9.02 -19.54
C ASN A 171 -11.00 -9.96 -20.55
N TYR A 172 -10.56 -9.96 -21.81
CA TYR A 172 -11.35 -10.69 -22.84
C TYR A 172 -11.19 -12.20 -22.64
N PHE A 173 -10.04 -12.63 -22.13
CA PHE A 173 -9.79 -14.04 -21.77
C PHE A 173 -10.75 -14.50 -20.67
N GLU A 174 -10.87 -13.74 -19.57
CA GLU A 174 -11.81 -14.07 -18.49
C GLU A 174 -13.25 -14.06 -19.01
N ALA A 175 -13.65 -13.08 -19.80
CA ALA A 175 -15.00 -13.06 -20.38
C ALA A 175 -15.25 -14.34 -21.21
N SER A 176 -14.23 -14.76 -21.96
CA SER A 176 -14.30 -15.93 -22.88
C SER A 176 -14.49 -17.20 -22.05
N ILE A 177 -13.66 -17.40 -21.03
CA ILE A 177 -13.69 -18.68 -20.26
C ILE A 177 -14.93 -18.73 -19.37
N LEU A 178 -15.42 -17.59 -18.84
CA LEU A 178 -16.67 -17.60 -18.04
C LEU A 178 -17.91 -17.91 -18.92
N SER A 179 -18.07 -17.22 -20.06
CA SER A 179 -19.28 -17.28 -20.93
C SER A 179 -19.19 -18.50 -21.88
N THR A 180 -17.98 -18.98 -22.15
CA THR A 180 -17.63 -20.02 -23.17
C THR A 180 -17.82 -19.44 -24.59
N VAL A 181 -17.82 -18.12 -24.72
CA VAL A 181 -17.79 -17.42 -26.03
C VAL A 181 -16.37 -16.93 -26.27
N GLU A 182 -15.78 -17.22 -27.42
CA GLU A 182 -14.45 -16.70 -27.80
C GLU A 182 -14.62 -15.20 -28.09
N VAL A 183 -14.17 -14.34 -27.18
CA VAL A 183 -14.24 -12.87 -27.42
C VAL A 183 -13.12 -12.52 -28.38
N LYS A 184 -13.50 -12.24 -29.62
CA LYS A 184 -12.57 -12.00 -30.76
C LYS A 184 -12.90 -10.68 -31.41
N ASP A 185 -14.12 -10.16 -31.21
CA ASP A 185 -14.57 -8.94 -31.93
C ASP A 185 -15.70 -8.30 -31.10
N LEU A 186 -16.27 -7.20 -31.58
CA LEU A 186 -17.36 -6.51 -30.85
C LEU A 186 -18.55 -7.46 -30.68
N ALA A 187 -19.00 -8.13 -31.73
CA ALA A 187 -20.19 -9.03 -31.67
C ALA A 187 -19.98 -10.10 -30.60
N SER A 188 -18.80 -10.73 -30.58
CA SER A 188 -18.49 -11.81 -29.62
C SER A 188 -18.39 -11.21 -28.19
N ALA A 189 -17.79 -10.02 -28.01
CA ALA A 189 -17.77 -9.36 -26.67
C ALA A 189 -19.21 -9.16 -26.20
N ILE A 190 -20.12 -8.73 -27.08
CA ILE A 190 -21.55 -8.52 -26.73
C ILE A 190 -22.17 -9.84 -26.29
N GLU A 191 -21.93 -10.96 -27.01
CA GLU A 191 -22.51 -12.27 -26.63
C GLU A 191 -22.00 -12.65 -25.22
N ALA A 192 -20.71 -12.44 -24.97
CA ALA A 192 -20.06 -12.73 -23.67
C ALA A 192 -20.72 -11.85 -22.59
N ALA A 193 -20.89 -10.55 -22.84
CA ALA A 193 -21.55 -9.62 -21.88
C ALA A 193 -23.00 -10.07 -21.63
N ASN A 194 -23.74 -10.51 -22.65
CA ASN A 194 -25.15 -10.94 -22.46
C ASN A 194 -25.18 -12.12 -21.47
N TRP A 195 -24.17 -12.99 -21.54
CA TRP A 195 -24.05 -14.17 -20.64
C TRP A 195 -23.94 -13.67 -19.18
N PHE A 196 -23.07 -12.67 -18.96
CA PHE A 196 -22.89 -12.01 -17.64
C PHE A 196 -24.24 -11.49 -17.13
N HIS A 197 -24.97 -10.77 -17.96
CA HIS A 197 -26.27 -10.17 -17.55
C HIS A 197 -27.25 -11.29 -17.18
N THR A 198 -27.28 -12.37 -17.98
CA THR A 198 -28.23 -13.50 -17.73
C THR A 198 -27.87 -14.15 -16.39
N GLN A 199 -26.56 -14.25 -16.11
CA GLN A 199 -25.93 -14.79 -14.87
C GLN A 199 -26.36 -13.95 -13.65
N GLY A 200 -26.70 -12.67 -13.88
CA GLY A 200 -27.16 -11.73 -12.83
C GLY A 200 -26.27 -10.50 -12.67
N THR A 201 -25.25 -10.30 -13.50
CA THR A 201 -24.38 -9.10 -13.36
C THR A 201 -24.95 -7.95 -14.20
N PRO A 202 -25.47 -6.87 -13.60
CA PRO A 202 -26.09 -5.82 -14.40
C PRO A 202 -25.12 -5.03 -15.32
N THR A 203 -23.89 -4.77 -14.88
CA THR A 203 -22.94 -3.86 -15.56
C THR A 203 -21.64 -4.61 -15.79
N VAL A 204 -21.22 -4.68 -17.04
CA VAL A 204 -20.00 -5.42 -17.45
C VAL A 204 -19.12 -4.51 -18.29
N VAL A 205 -17.83 -4.51 -18.01
CA VAL A 205 -16.83 -3.85 -18.88
C VAL A 205 -15.90 -4.96 -19.35
N ILE A 206 -15.92 -5.23 -20.66
CA ILE A 206 -14.84 -6.03 -21.28
C ILE A 206 -13.77 -5.04 -21.70
N LYS A 207 -12.61 -5.07 -21.03
CA LYS A 207 -11.69 -3.92 -20.96
C LYS A 207 -10.95 -3.70 -22.29
N SER A 208 -10.69 -4.76 -23.06
CA SER A 208 -9.98 -4.65 -24.35
C SER A 208 -10.11 -5.94 -25.16
N PHE A 209 -10.24 -5.81 -26.48
CA PHE A 209 -10.14 -6.93 -27.45
C PHE A 209 -9.74 -6.35 -28.82
N ALA A 210 -9.35 -7.24 -29.75
CA ALA A 210 -8.85 -6.97 -31.13
C ALA A 210 -9.74 -5.96 -31.88
CA ASP A 213 -9.27 -5.64 -38.52
C ASP A 213 -8.77 -4.20 -38.45
N ASP A 214 -7.96 -3.89 -37.43
CA ASP A 214 -7.22 -2.60 -37.17
C ASP A 214 -6.16 -2.84 -36.11
N PRO A 215 -4.90 -3.10 -36.53
CA PRO A 215 -3.89 -3.58 -35.59
C PRO A 215 -3.46 -2.57 -34.50
N THR A 216 -3.64 -1.26 -34.74
CA THR A 216 -3.04 -0.13 -33.96
C THR A 216 -3.95 0.36 -32.81
N HIS A 217 -5.12 -0.25 -32.62
CA HIS A 217 -6.06 0.13 -31.54
C HIS A 217 -6.56 -1.12 -30.80
N LEU A 218 -6.95 -0.97 -29.54
CA LEU A 218 -7.83 -1.93 -28.82
C LEU A 218 -9.24 -1.33 -28.69
N ARG A 219 -10.26 -2.18 -28.81
CA ARG A 219 -11.67 -1.78 -28.60
C ARG A 219 -12.11 -2.27 -27.20
N PHE A 220 -13.05 -1.56 -26.57
CA PHE A 220 -13.73 -2.02 -25.32
C PHE A 220 -15.25 -1.98 -25.44
N LEU A 221 -15.90 -2.75 -24.58
CA LEU A 221 -17.36 -2.80 -24.46
C LEU A 221 -17.76 -2.44 -23.04
N LEU A 222 -18.70 -1.50 -22.92
CA LEU A 222 -19.49 -1.36 -21.69
C LEU A 222 -20.92 -1.81 -22.00
N SER A 223 -21.45 -2.73 -21.21
CA SER A 223 -22.82 -3.26 -21.34
C SER A 223 -23.58 -3.07 -20.03
N CYS A 224 -24.71 -2.40 -20.04
CA CYS A 224 -25.53 -2.14 -18.82
C CYS A 224 -26.95 -2.70 -19.03
N ARG A 225 -27.28 -3.78 -18.33
CA ARG A 225 -28.64 -4.34 -18.24
C ARG A 225 -29.34 -3.73 -17.02
N ASP A 226 -30.50 -3.06 -17.21
CA ASP A 226 -31.36 -2.57 -16.09
C ASP A 226 -31.65 -3.72 -15.10
N THR A 229 -37.01 -3.29 -16.54
CA THR A 229 -36.41 -2.99 -17.86
C THR A 229 -36.26 -4.27 -18.69
N GLY A 230 -35.17 -5.04 -18.44
CA GLY A 230 -34.73 -6.18 -19.27
C GLY A 230 -33.98 -5.72 -20.52
N SER A 231 -33.90 -4.41 -20.71
CA SER A 231 -33.21 -3.71 -21.82
C SER A 231 -31.72 -3.55 -21.47
N THR A 232 -30.89 -3.51 -22.50
CA THR A 232 -29.42 -3.39 -22.43
C THR A 232 -28.95 -2.19 -23.24
N LYS A 233 -28.25 -1.27 -22.58
CA LYS A 233 -27.52 -0.12 -23.16
C LYS A 233 -26.05 -0.55 -23.31
N ARG A 234 -25.53 -0.48 -24.53
CA ARG A 234 -24.16 -0.90 -24.85
C ARG A 234 -23.41 0.32 -25.36
N TYR A 235 -22.11 0.32 -25.10
CA TYR A 235 -21.17 1.36 -25.52
C TYR A 235 -19.86 0.73 -25.91
N THR A 236 -19.19 1.41 -26.84
CA THR A 236 -17.86 0.98 -27.29
C THR A 236 -16.99 2.21 -27.47
N GLY A 237 -15.70 1.97 -27.66
CA GLY A 237 -14.65 2.98 -27.76
C GLY A 237 -13.35 2.28 -28.05
N VAL A 238 -12.28 3.02 -28.24
CA VAL A 238 -10.96 2.43 -28.60
C VAL A 238 -9.92 3.17 -27.79
N VAL A 239 -8.75 2.56 -27.66
CA VAL A 239 -7.55 3.21 -27.10
C VAL A 239 -6.41 2.83 -28.03
N PRO A 240 -5.35 3.64 -28.16
CA PRO A 240 -4.15 3.22 -28.89
C PRO A 240 -3.64 1.87 -28.35
N TYR A 241 -3.34 0.90 -29.23
CA TYR A 241 -2.64 -0.34 -28.82
C TYR A 241 -1.15 0.00 -28.69
N HIS A 242 -0.54 -0.30 -27.54
CA HIS A 242 0.93 -0.19 -27.34
C HIS A 242 1.54 -1.57 -27.40
N GLU A 243 2.66 -1.70 -28.12
CA GLU A 243 3.40 -2.97 -28.29
C GLU A 243 3.87 -3.41 -26.89
N GLY A 244 3.74 -4.70 -26.61
CA GLY A 244 4.29 -5.25 -25.36
C GLY A 244 3.19 -5.70 -24.42
N ARG A 245 3.59 -6.50 -23.44
CA ARG A 245 2.72 -7.07 -22.38
C ARG A 245 2.92 -6.24 -21.11
N TYR A 246 1.84 -5.68 -20.60
CA TYR A 246 1.80 -4.96 -19.29
C TYR A 246 1.08 -5.84 -18.27
N THR A 247 1.50 -5.76 -17.01
CA THR A 247 0.80 -6.40 -15.88
C THR A 247 0.26 -5.26 -15.02
N GLY A 248 -0.82 -5.51 -14.25
CA GLY A 248 -1.38 -4.51 -13.33
C GLY A 248 -2.36 -3.56 -13.98
N THR A 249 -2.50 -3.61 -15.30
CA THR A 249 -3.33 -2.65 -16.07
C THR A 249 -4.80 -2.83 -15.67
N GLY A 250 -5.27 -4.08 -15.61
CA GLY A 250 -6.63 -4.35 -15.10
C GLY A 250 -6.84 -3.85 -13.69
N ASP A 251 -5.84 -4.05 -12.82
CA ASP A 251 -5.96 -3.68 -11.39
C ASP A 251 -6.05 -2.15 -11.26
N VAL A 252 -5.26 -1.39 -12.01
CA VAL A 252 -5.38 0.10 -11.93
C VAL A 252 -6.71 0.51 -12.56
N PHE A 253 -7.10 -0.16 -13.63
CA PHE A 253 -8.38 0.17 -14.33
C PHE A 253 -9.60 0.02 -13.40
N ALA A 254 -9.75 -1.13 -12.73
CA ALA A 254 -10.89 -1.37 -11.80
C ALA A 254 -10.86 -0.36 -10.64
N ALA A 255 -9.70 -0.09 -10.07
CA ALA A 255 -9.56 0.91 -9.00
C ALA A 255 -9.97 2.29 -9.53
N SER A 256 -9.53 2.65 -10.74
CA SER A 256 -9.88 3.97 -11.35
C SER A 256 -11.39 4.05 -11.59
N LEU A 257 -11.97 2.95 -12.02
CA LEU A 257 -13.40 2.82 -12.34
C LEU A 257 -14.23 3.00 -11.08
N VAL A 258 -13.81 2.41 -9.96
CA VAL A 258 -14.54 2.60 -8.67
C VAL A 258 -14.46 4.10 -8.34
N ALA A 259 -13.30 4.68 -8.52
CA ALA A 259 -13.06 6.08 -8.11
C ALA A 259 -13.92 7.00 -8.96
N PHE A 260 -13.92 6.87 -10.29
CA PHE A 260 -14.67 7.79 -11.18
C PHE A 260 -16.18 7.52 -11.07
N ALA A 261 -16.58 6.26 -10.94
CA ALA A 261 -18.01 5.88 -10.93
C ALA A 261 -18.69 6.43 -9.68
N HIS A 262 -17.93 6.73 -8.61
CA HIS A 262 -18.47 7.42 -7.41
C HIS A 262 -19.10 8.78 -7.75
N SER A 263 -18.66 9.48 -8.79
CA SER A 263 -19.19 10.80 -9.14
C SER A 263 -19.30 11.02 -10.66
N ASP A 264 -19.34 9.94 -11.45
CA ASP A 264 -19.63 10.00 -12.89
C ASP A 264 -20.59 8.89 -13.28
N PRO A 265 -21.35 9.08 -14.35
CA PRO A 265 -22.13 7.97 -14.92
C PRO A 265 -21.11 6.93 -15.40
N MET A 266 -21.50 5.67 -15.48
CA MET A 266 -20.55 4.55 -15.74
C MET A 266 -19.83 4.77 -17.06
N ASP A 267 -20.49 5.32 -18.09
CA ASP A 267 -19.81 5.46 -19.40
C ASP A 267 -18.66 6.45 -19.29
N LEU A 268 -18.85 7.63 -18.66
CA LEU A 268 -17.75 8.60 -18.46
C LEU A 268 -16.69 7.97 -17.56
N ALA A 269 -17.06 7.22 -16.54
CA ALA A 269 -16.08 6.61 -15.61
C ALA A 269 -15.17 5.65 -16.38
N VAL A 270 -15.73 4.83 -17.28
CA VAL A 270 -14.96 3.94 -18.20
C VAL A 270 -14.02 4.83 -19.05
N GLY A 271 -14.54 5.90 -19.65
CA GLY A 271 -13.72 6.82 -20.47
C GLY A 271 -12.54 7.37 -19.69
N LYS A 272 -12.76 7.80 -18.44
CA LYS A 272 -11.70 8.42 -17.62
C LYS A 272 -10.67 7.32 -17.23
N ALA A 273 -11.15 6.13 -16.87
CA ALA A 273 -10.28 5.02 -16.43
C ALA A 273 -9.40 4.56 -17.60
N MET A 274 -9.96 4.54 -18.82
CA MET A 274 -9.17 4.22 -20.04
C MET A 274 -8.06 5.28 -20.19
N GLY A 275 -8.40 6.55 -20.05
CA GLY A 275 -7.47 7.69 -20.11
C GLY A 275 -6.34 7.55 -19.10
N VAL A 276 -6.66 7.25 -17.84
CA VAL A 276 -5.65 6.97 -16.78
C VAL A 276 -4.68 5.91 -17.30
N LEU A 277 -5.21 4.81 -17.82
CA LEU A 277 -4.38 3.68 -18.24
C LEU A 277 -3.51 4.14 -19.41
N GLN A 278 -4.04 4.92 -20.33
CA GLN A 278 -3.20 5.34 -21.48
C GLN A 278 -2.03 6.18 -20.97
N ASP A 279 -2.24 7.13 -20.03
CA ASP A 279 -1.17 7.97 -19.47
C ASP A 279 -0.15 7.06 -18.79
N LEU A 280 -0.64 6.14 -17.96
CA LEU A 280 0.21 5.21 -17.17
C LEU A 280 1.10 4.38 -18.10
N ILE A 281 0.52 3.80 -19.15
CA ILE A 281 1.30 2.95 -20.08
C ILE A 281 2.33 3.82 -20.82
N LYS A 282 1.95 5.04 -21.19
CA LYS A 282 2.89 5.95 -21.91
C LYS A 282 4.06 6.34 -21.00
N ALA A 283 3.80 6.64 -19.73
CA ALA A 283 4.83 6.94 -18.71
C ALA A 283 5.71 5.70 -18.46
N THR A 284 5.15 4.51 -18.54
CA THR A 284 5.92 3.25 -18.32
C THR A 284 6.87 3.10 -19.52
N ILE A 285 6.37 3.25 -20.74
CA ILE A 285 7.18 3.21 -21.99
C ILE A 285 8.28 4.29 -21.96
N GLU A 286 7.92 5.55 -21.66
CA GLU A 286 8.85 6.72 -21.67
C GLU A 286 9.99 6.53 -20.64
N ARG A 287 9.77 5.84 -19.53
CA ARG A 287 10.83 5.63 -18.49
C ARG A 287 11.61 4.35 -18.85
N GLY A 288 11.42 3.80 -20.06
CA GLY A 288 12.27 2.76 -20.67
C GLY A 288 11.65 1.37 -20.64
N GLY A 289 10.31 1.26 -20.51
CA GLY A 289 9.56 -0.01 -20.45
C GLY A 289 8.87 -0.33 -21.77
N SER A 290 9.61 -0.26 -22.89
CA SER A 290 9.15 -0.63 -24.25
C SER A 290 8.79 -2.12 -24.26
N GLY A 291 8.20 -2.60 -25.37
CA GLY A 291 7.76 -3.99 -25.56
C GLY A 291 8.86 -5.03 -25.40
N LYS A 292 10.14 -4.64 -25.62
CA LYS A 292 11.35 -5.52 -25.52
C LYS A 292 12.08 -5.39 -24.16
N ALA A 293 11.70 -4.43 -23.30
CA ALA A 293 12.38 -4.17 -22.00
C ALA A 293 12.09 -5.32 -21.02
N THR A 294 12.83 -5.38 -19.91
CA THR A 294 12.65 -6.40 -18.82
C THR A 294 11.23 -6.33 -18.24
N LEU A 295 10.83 -7.37 -17.50
CA LEU A 295 9.58 -7.39 -16.68
C LEU A 295 9.61 -6.22 -15.69
N SER A 296 10.75 -6.00 -15.03
CA SER A 296 10.95 -4.89 -14.06
C SER A 296 10.68 -3.56 -14.76
N SER A 297 11.25 -3.39 -15.96
CA SER A 297 11.14 -2.13 -16.75
C SER A 297 9.67 -1.94 -17.16
N ARG A 298 8.94 -3.03 -17.42
CA ARG A 298 7.52 -2.96 -17.88
C ARG A 298 6.56 -2.84 -16.67
N GLU A 299 7.00 -3.03 -15.43
CA GLU A 299 6.11 -2.83 -14.27
C GLU A 299 5.48 -1.45 -14.43
N LEU A 300 4.17 -1.29 -14.21
CA LEU A 300 3.53 0.04 -14.40
C LEU A 300 4.18 1.09 -13.49
N ARG A 301 4.46 2.30 -14.02
CA ARG A 301 5.02 3.43 -13.24
C ARG A 301 3.89 4.12 -12.44
N VAL A 302 3.24 3.40 -11.53
CA VAL A 302 2.02 3.89 -10.82
C VAL A 302 2.31 5.18 -10.06
N THR A 303 3.49 5.41 -9.51
CA THR A 303 3.76 6.58 -8.63
C THR A 303 4.29 7.77 -9.43
N SER A 304 4.52 7.62 -10.74
CA SER A 304 5.31 8.59 -11.54
C SER A 304 4.52 9.89 -11.75
N TYR A 305 3.22 9.82 -12.02
CA TYR A 305 2.42 11.02 -12.36
C TYR A 305 1.10 11.01 -11.61
N PRO A 306 1.12 11.30 -10.29
CA PRO A 306 -0.10 11.21 -9.48
C PRO A 306 -1.26 12.09 -9.97
N ASP A 307 -0.94 13.26 -10.54
CA ASP A 307 -1.97 14.18 -11.10
C ASP A 307 -2.75 13.44 -12.20
N ARG A 308 -2.04 12.66 -13.04
CA ARG A 308 -2.59 11.96 -14.22
C ARG A 308 -3.47 10.76 -13.80
N LEU A 309 -3.28 10.26 -12.58
CA LEU A 309 -4.17 9.23 -11.97
C LEU A 309 -5.52 9.86 -11.66
N GLN A 310 -5.55 11.14 -11.30
CA GLN A 310 -6.80 11.83 -10.94
C GLN A 310 -7.41 12.48 -12.17
N HIS A 311 -6.57 13.10 -13.02
CA HIS A 311 -6.97 13.94 -14.17
C HIS A 311 -6.17 13.51 -15.38
N PRO A 312 -6.61 12.49 -16.14
CA PRO A 312 -5.82 11.94 -17.24
C PRO A 312 -5.73 12.97 -18.36
N SER A 313 -4.68 12.88 -19.19
CA SER A 313 -4.37 13.87 -20.25
C SER A 313 -5.41 13.71 -21.36
N SER A 314 -6.05 12.56 -21.43
CA SER A 314 -7.14 12.29 -22.39
C SER A 314 -8.22 11.49 -21.66
N VAL A 315 -9.46 11.61 -22.14
CA VAL A 315 -10.61 10.79 -21.70
C VAL A 315 -11.10 10.08 -22.94
N ALA A 316 -11.04 8.75 -22.94
CA ALA A 316 -11.48 7.97 -24.13
C ALA A 316 -12.97 8.20 -24.32
N LEU A 317 -13.42 8.37 -25.57
CA LEU A 317 -14.87 8.44 -25.88
C LEU A 317 -15.54 7.07 -25.70
N VAL A 318 -16.72 7.09 -25.12
CA VAL A 318 -17.52 5.86 -24.84
C VAL A 318 -18.87 6.12 -25.50
N THR A 319 -19.06 5.60 -26.71
CA THR A 319 -20.17 6.01 -27.60
C THR A 319 -21.23 4.91 -27.66
N PRO A 320 -22.53 5.30 -27.56
CA PRO A 320 -23.63 4.34 -27.56
C PRO A 320 -23.66 3.51 -28.84
N LEU A 321 -24.05 2.24 -28.71
CA LEU A 321 -24.32 1.33 -29.85
C LEU A 321 -25.82 1.35 -30.08
N PRO A 322 -26.27 1.06 -31.32
CA PRO A 322 -27.66 1.32 -31.74
C PRO A 322 -28.73 0.49 -31.00
N ASP B 24 16.80 5.29 -7.82
CA ASP B 24 17.40 5.38 -6.43
C ASP B 24 16.36 5.74 -5.36
N LYS B 25 15.11 6.05 -5.73
CA LYS B 25 14.01 6.31 -4.77
C LYS B 25 13.19 5.03 -4.58
N HIS B 26 13.85 3.97 -4.10
CA HIS B 26 13.32 2.60 -3.89
C HIS B 26 13.57 2.20 -2.43
N VAL B 27 12.52 1.94 -1.66
CA VAL B 27 12.59 1.66 -0.19
CA VAL B 27 12.64 1.64 -0.21
C VAL B 27 12.04 0.25 0.03
N LEU B 28 12.76 -0.62 0.72
CA LEU B 28 12.21 -1.88 1.26
C LEU B 28 11.67 -1.52 2.65
N SER B 29 10.36 -1.63 2.88
CA SER B 29 9.68 -1.20 4.12
C SER B 29 9.14 -2.44 4.81
N ILE B 30 9.77 -2.82 5.92
CA ILE B 30 9.39 -4.01 6.71
C ILE B 30 8.61 -3.55 7.93
N GLN B 31 7.29 -3.61 7.84
CA GLN B 31 6.38 -2.99 8.82
C GLN B 31 5.08 -3.81 8.84
N SER B 32 4.16 -3.45 9.69
CA SER B 32 2.81 -4.10 9.77
C SER B 32 1.95 -3.65 8.59
N HIS B 33 0.94 -4.48 8.29
CA HIS B 33 -0.22 -4.11 7.46
C HIS B 33 -1.47 -4.21 8.33
N VAL B 34 -2.33 -3.18 8.26
CA VAL B 34 -3.68 -3.29 8.85
C VAL B 34 -4.72 -3.03 7.78
N THR B 35 -5.80 -3.82 7.79
CA THR B 35 -6.90 -3.57 6.85
C THR B 35 -7.52 -2.21 7.15
N HIS B 36 -7.86 -1.96 8.42
CA HIS B 36 -8.49 -0.69 8.86
C HIS B 36 -7.46 0.19 9.55
N GLY B 37 -7.32 1.44 9.11
CA GLY B 37 -6.55 2.45 9.85
C GLY B 37 -5.15 2.65 9.31
N TYR B 38 -4.35 3.47 10.01
CA TYR B 38 -3.10 4.01 9.44
C TYR B 38 -1.97 3.86 10.46
N VAL B 39 -1.41 2.65 10.52
CA VAL B 39 -0.14 2.39 11.26
C VAL B 39 0.73 1.57 10.34
N GLY B 40 2.02 1.53 10.61
CA GLY B 40 2.91 0.66 9.85
C GLY B 40 2.94 1.07 8.39
N ASN B 41 2.93 0.09 7.50
CA ASN B 41 3.00 0.33 6.04
C ASN B 41 1.74 1.10 5.59
N LYS B 42 0.65 1.04 6.34
CA LYS B 42 -0.55 1.88 6.03
C LYS B 42 -0.28 3.37 6.32
N ALA B 43 0.59 3.68 7.26
CA ALA B 43 0.97 5.09 7.56
C ALA B 43 2.11 5.52 6.65
N ALA B 44 2.99 4.60 6.25
CA ALA B 44 4.28 4.93 5.61
C ALA B 44 4.18 4.99 4.08
N THR B 45 3.28 4.21 3.45
CA THR B 45 3.39 3.94 2.00
C THR B 45 2.91 5.17 1.21
N PHE B 46 1.72 5.69 1.49
CA PHE B 46 1.14 6.82 0.72
C PHE B 46 2.11 8.00 0.77
N PRO B 47 2.60 8.47 1.95
CA PRO B 47 3.55 9.58 1.96
C PRO B 47 4.78 9.35 1.08
N LEU B 48 5.41 8.17 1.16
CA LEU B 48 6.61 7.89 0.35
C LEU B 48 6.26 7.83 -1.13
N GLN B 49 5.09 7.27 -1.48
CA GLN B 49 4.68 7.21 -2.91
C GLN B 49 4.48 8.65 -3.44
N LEU B 50 3.82 9.49 -2.66
CA LEU B 50 3.56 10.91 -3.01
C LEU B 50 4.89 11.61 -3.32
N HIS B 51 5.96 11.28 -2.61
CA HIS B 51 7.32 11.86 -2.73
C HIS B 51 8.08 11.22 -3.91
N GLY B 52 7.46 10.30 -4.65
CA GLY B 52 8.01 9.69 -5.86
C GLY B 52 8.77 8.40 -5.57
N PHE B 53 8.64 7.80 -4.37
CA PHE B 53 9.37 6.57 -4.00
C PHE B 53 8.54 5.34 -4.38
N ASP B 54 9.20 4.31 -4.87
CA ASP B 54 8.63 2.93 -4.91
C ASP B 54 8.86 2.31 -3.54
N VAL B 55 7.78 1.97 -2.89
CA VAL B 55 7.75 1.29 -1.57
C VAL B 55 7.50 -0.19 -1.83
N ASP B 56 8.50 -1.01 -1.54
CA ASP B 56 8.42 -2.48 -1.58
C ASP B 56 8.23 -2.91 -0.14
N ALA B 57 7.01 -3.32 0.21
CA ALA B 57 6.59 -3.62 1.58
C ALA B 57 6.66 -5.12 1.85
N ILE B 58 7.29 -5.47 2.95
CA ILE B 58 7.16 -6.80 3.58
C ILE B 58 6.34 -6.53 4.83
N ASN B 59 5.16 -7.14 4.87
CA ASN B 59 4.15 -6.97 5.93
C ASN B 59 4.41 -8.03 7.00
N THR B 60 4.99 -7.61 8.13
CA THR B 60 5.41 -8.49 9.24
C THR B 60 4.18 -9.11 9.90
N VAL B 61 3.04 -8.41 9.81
CA VAL B 61 1.72 -8.90 10.26
C VAL B 61 0.69 -8.35 9.26
N SER B 62 -0.44 -9.03 9.16
CA SER B 62 -1.59 -8.58 8.34
C SER B 62 -2.82 -8.71 9.22
N LEU B 63 -3.15 -7.61 9.88
CA LEU B 63 -4.17 -7.58 10.94
C LEU B 63 -5.36 -6.77 10.49
N SER B 64 -6.49 -6.98 11.16
CA SER B 64 -7.75 -6.24 10.91
C SER B 64 -7.54 -4.76 11.18
N ASN B 65 -6.73 -4.38 12.19
CA ASN B 65 -6.63 -2.98 12.71
C ASN B 65 -5.50 -2.91 13.73
N HIS B 66 -5.19 -1.72 14.24
CA HIS B 66 -4.07 -1.53 15.21
C HIS B 66 -4.55 -2.01 16.56
N SER B 67 -3.58 -2.18 17.46
CA SER B 67 -3.66 -2.91 18.75
C SER B 67 -4.43 -2.10 19.80
N GLY B 68 -4.98 -0.93 19.44
CA GLY B 68 -5.74 -0.08 20.37
C GLY B 68 -7.24 -0.29 20.28
N TYR B 69 -7.72 -1.01 19.25
CA TYR B 69 -9.16 -1.35 19.10
C TYR B 69 -9.47 -2.52 20.03
N PRO B 70 -10.75 -2.77 20.39
CA PRO B 70 -11.09 -3.86 21.32
C PRO B 70 -10.72 -5.26 20.79
N VAL B 71 -10.79 -5.45 19.47
CA VAL B 71 -10.53 -6.78 18.83
C VAL B 71 -9.44 -6.62 17.76
N ILE B 72 -8.40 -7.43 17.88
CA ILE B 72 -7.39 -7.53 16.81
C ILE B 72 -7.34 -8.98 16.29
N LYS B 73 -7.48 -9.13 14.97
CA LYS B 73 -7.43 -10.47 14.33
C LYS B 73 -6.43 -10.45 13.18
N GLY B 74 -5.83 -11.59 12.88
CA GLY B 74 -5.15 -11.75 11.59
C GLY B 74 -3.87 -12.54 11.73
N HIS B 75 -3.03 -12.40 10.73
CA HIS B 75 -1.88 -13.30 10.49
C HIS B 75 -0.59 -12.61 10.91
N ARG B 76 0.33 -13.34 11.53
CA ARG B 76 1.68 -12.84 11.88
CA ARG B 76 1.68 -12.81 11.85
C ARG B 76 2.72 -13.69 11.14
N MET B 77 3.66 -13.04 10.46
CA MET B 77 4.78 -13.73 9.78
C MET B 77 5.59 -14.54 10.79
N ASP B 78 6.11 -15.70 10.37
CA ASP B 78 7.19 -16.31 11.18
C ASP B 78 8.50 -16.09 10.43
N LEU B 79 9.60 -16.60 10.96
CA LEU B 79 10.91 -16.42 10.32
C LEU B 79 10.88 -17.06 8.91
N GLU B 80 10.31 -18.26 8.78
CA GLU B 80 10.29 -19.00 7.49
C GLU B 80 9.57 -18.16 6.43
N GLU B 81 8.47 -17.48 6.80
CA GLU B 81 7.71 -16.66 5.82
C GLU B 81 8.58 -15.51 5.35
N PHE B 82 9.38 -14.93 6.25
CA PHE B 82 10.23 -13.78 5.90
C PHE B 82 11.35 -14.23 4.95
N THR B 83 12.00 -15.35 5.29
CA THR B 83 13.14 -15.84 4.48
C THR B 83 12.59 -16.36 3.13
N THR B 84 11.35 -16.83 3.07
CA THR B 84 10.71 -17.21 1.80
C THR B 84 10.60 -15.98 0.90
N ILE B 85 10.04 -14.88 1.41
CA ILE B 85 9.91 -13.64 0.60
C ILE B 85 11.32 -13.23 0.14
N MET B 86 12.28 -13.23 1.06
CA MET B 86 13.67 -12.82 0.73
C MET B 86 14.16 -13.69 -0.44
N GLU B 87 13.89 -15.00 -0.40
CA GLU B 87 14.33 -15.95 -1.46
C GLU B 87 13.80 -15.46 -2.80
N GLY B 88 12.55 -14.97 -2.89
CA GLY B 88 12.02 -14.48 -4.19
C GLY B 88 12.69 -13.20 -4.63
N LEU B 89 12.89 -12.26 -3.71
CA LEU B 89 13.56 -10.96 -3.95
C LEU B 89 14.98 -11.23 -4.45
N ARG B 90 15.68 -12.14 -3.79
CA ARG B 90 17.05 -12.60 -4.14
C ARG B 90 17.01 -13.23 -5.54
N ALA B 91 16.14 -14.22 -5.76
CA ALA B 91 16.09 -15.02 -7.02
C ALA B 91 15.86 -14.12 -8.24
N ASN B 92 15.05 -13.08 -8.11
CA ASN B 92 14.70 -12.18 -9.23
C ASN B 92 15.65 -10.99 -9.28
N ASP B 93 16.69 -10.98 -8.46
CA ASP B 93 17.77 -9.95 -8.49
C ASP B 93 17.19 -8.57 -8.14
N PHE B 94 16.32 -8.47 -7.13
CA PHE B 94 15.76 -7.15 -6.74
C PHE B 94 16.57 -6.47 -5.64
N LEU B 95 17.48 -7.17 -4.94
CA LEU B 95 18.06 -6.64 -3.68
C LEU B 95 18.90 -5.39 -3.94
N SER B 96 19.51 -5.25 -5.12
CA SER B 96 20.34 -4.06 -5.43
C SER B 96 19.47 -2.83 -5.67
N ASP B 97 18.15 -2.98 -5.81
CA ASP B 97 17.21 -1.85 -6.03
C ASP B 97 17.06 -0.97 -4.77
N TYR B 98 17.38 -1.48 -3.58
CA TYR B 98 16.95 -0.89 -2.28
C TYR B 98 18.02 0.08 -1.75
N ALA B 99 17.90 1.34 -2.19
CA ALA B 99 18.71 2.50 -1.74
C ALA B 99 18.38 2.79 -0.28
N TYR B 100 17.18 2.40 0.15
CA TYR B 100 16.69 2.60 1.53
C TYR B 100 16.03 1.33 2.03
N VAL B 101 16.32 1.01 3.28
CA VAL B 101 15.59 -0.01 4.06
C VAL B 101 14.98 0.74 5.25
N LEU B 102 13.70 0.53 5.48
CA LEU B 102 12.94 1.16 6.59
C LEU B 102 12.28 0.03 7.33
N THR B 103 12.63 -0.16 8.59
CA THR B 103 12.01 -1.19 9.45
C THR B 103 11.19 -0.51 10.53
N GLY B 104 10.01 -1.08 10.78
CA GLY B 104 9.07 -0.63 11.81
C GLY B 104 8.62 -1.80 12.67
N TYR B 105 7.32 -1.92 12.83
CA TYR B 105 6.72 -3.02 13.62
C TYR B 105 7.13 -4.36 13.04
N ILE B 106 7.78 -5.14 13.89
CA ILE B 106 8.16 -6.55 13.61
C ILE B 106 7.67 -7.44 14.76
N ASN B 107 8.09 -7.12 15.98
CA ASN B 107 7.63 -7.75 17.24
C ASN B 107 7.88 -9.26 17.17
N ASN B 108 9.05 -9.64 16.66
CA ASN B 108 9.46 -11.07 16.50
C ASN B 108 10.99 -11.10 16.62
N ARG B 109 11.55 -11.74 17.66
CA ARG B 109 13.03 -11.77 17.90
C ARG B 109 13.74 -12.29 16.66
N ASP B 110 13.24 -13.36 16.06
CA ASP B 110 13.95 -14.08 14.98
C ASP B 110 13.98 -13.20 13.72
N ILE B 111 12.89 -12.48 13.42
CA ILE B 111 12.86 -11.59 12.21
C ILE B 111 13.69 -10.34 12.46
N VAL B 112 13.63 -9.76 13.67
CA VAL B 112 14.49 -8.59 14.00
C VAL B 112 15.94 -8.97 13.72
N ARG B 113 16.38 -10.15 14.18
CA ARG B 113 17.79 -10.56 14.00
C ARG B 113 18.04 -10.72 12.49
N GLN B 114 17.08 -11.30 11.75
CA GLN B 114 17.20 -11.62 10.31
C GLN B 114 17.35 -10.34 9.49
N VAL B 115 16.76 -9.23 9.93
CA VAL B 115 16.89 -7.94 9.20
C VAL B 115 18.36 -7.60 9.00
N ALA B 116 19.19 -7.87 10.02
CA ALA B 116 20.64 -7.61 9.95
C ALA B 116 21.19 -8.29 8.69
N ALA B 117 20.89 -9.56 8.45
CA ALA B 117 21.40 -10.32 7.27
C ALA B 117 20.80 -9.72 5.98
N THR B 118 19.52 -9.41 6.02
CA THR B 118 18.82 -8.76 4.88
C THR B 118 19.54 -7.48 4.52
N VAL B 119 19.81 -6.59 5.48
CA VAL B 119 20.51 -5.32 5.19
C VAL B 119 21.91 -5.65 4.63
N ALA B 120 22.66 -6.54 5.27
CA ALA B 120 24.03 -6.89 4.79
C ALA B 120 23.99 -7.42 3.35
N GLU B 121 22.97 -8.23 3.01
CA GLU B 121 22.87 -8.79 1.63
C GLU B 121 22.56 -7.66 0.64
N ILE B 122 21.70 -6.70 1.02
CA ILE B 122 21.41 -5.50 0.17
C ILE B 122 22.67 -4.65 -0.04
N ARG B 123 23.39 -4.34 1.03
CA ARG B 123 24.66 -3.58 0.99
C ARG B 123 25.61 -4.25 -0.01
N GLU B 124 25.77 -5.58 0.09
CA GLU B 124 26.68 -6.35 -0.79
C GLU B 124 26.19 -6.26 -2.24
N ALA B 125 24.90 -6.51 -2.53
CA ALA B 125 24.36 -6.44 -3.91
C ALA B 125 24.59 -5.03 -4.49
N ARG B 126 24.36 -3.98 -3.70
CA ARG B 126 24.52 -2.59 -4.19
C ARG B 126 26.00 -2.26 -4.42
N GLN B 127 26.86 -2.70 -3.52
CA GLN B 127 28.33 -2.49 -3.60
C GLN B 127 28.85 -3.19 -4.87
N LYS B 128 28.39 -4.41 -5.14
CA LYS B 128 28.82 -5.20 -6.32
C LYS B 128 28.44 -4.44 -7.59
N GLN B 129 27.25 -3.84 -7.61
CA GLN B 129 26.74 -3.06 -8.77
C GLN B 129 27.22 -1.60 -8.75
N GLY B 130 28.12 -1.23 -7.84
CA GLY B 130 28.68 0.13 -7.78
C GLY B 130 27.65 1.20 -7.52
N LYS B 131 26.58 0.90 -6.77
CA LYS B 131 25.56 1.92 -6.41
C LYS B 131 25.90 2.53 -5.04
N LYS B 132 25.33 3.68 -4.74
CA LYS B 132 25.54 4.35 -3.43
C LYS B 132 25.10 3.37 -2.33
N ASP B 133 25.84 3.34 -1.24
CA ASP B 133 25.48 2.58 -0.02
C ASP B 133 23.98 2.77 0.23
N ALA B 134 23.32 1.70 0.62
CA ALA B 134 21.95 1.78 1.17
C ALA B 134 22.00 2.57 2.48
N VAL B 135 20.90 3.25 2.79
CA VAL B 135 20.64 3.89 4.11
C VAL B 135 19.57 3.09 4.84
N PHE B 136 19.97 2.48 5.93
CA PHE B 136 19.09 1.66 6.80
C PHE B 136 18.55 2.56 7.92
N PHE B 137 17.27 2.92 7.80
CA PHE B 137 16.44 3.58 8.83
C PHE B 137 15.78 2.51 9.72
N CYS B 138 16.23 2.40 10.96
CA CYS B 138 15.66 1.45 11.94
C CYS B 138 14.76 2.16 12.94
N ASP B 139 13.46 1.91 12.85
CA ASP B 139 12.50 2.40 13.84
C ASP B 139 12.27 1.25 14.82
N PRO B 140 12.88 1.31 16.02
CA PRO B 140 12.88 0.16 16.93
C PRO B 140 11.52 0.07 17.64
N VAL B 141 10.50 -0.41 16.92
CA VAL B 141 9.10 -0.38 17.38
C VAL B 141 8.87 -1.43 18.49
N MET B 142 8.62 -0.97 19.72
CA MET B 142 8.55 -1.83 20.94
C MET B 142 7.44 -1.39 21.90
N GLY B 143 7.13 -0.09 21.99
CA GLY B 143 6.07 0.41 22.87
C GLY B 143 6.00 1.91 22.92
N ASP B 144 5.17 2.44 23.82
CA ASP B 144 4.77 3.88 23.89
C ASP B 144 4.00 4.10 25.19
N ASP B 145 4.05 5.33 25.71
CA ASP B 145 3.20 5.74 26.86
C ASP B 145 3.45 4.75 28.01
N GLY B 146 4.72 4.40 28.25
CA GLY B 146 5.18 3.57 29.39
C GLY B 146 4.90 2.08 29.23
N ARG B 147 4.26 1.64 28.13
CA ARG B 147 3.83 0.23 27.91
C ARG B 147 4.64 -0.41 26.76
N LEU B 148 5.30 -1.53 27.05
CA LEU B 148 6.03 -2.41 26.12
C LEU B 148 5.01 -3.29 25.40
N TYR B 149 5.03 -3.45 24.07
CA TYR B 149 4.20 -4.48 23.39
C TYR B 149 5.04 -5.67 22.89
N CYS B 150 6.25 -5.91 23.38
CA CYS B 150 7.13 -7.03 22.93
C CYS B 150 7.80 -7.70 24.14
N LYS B 151 8.30 -8.94 23.96
CA LYS B 151 9.12 -9.66 24.96
C LYS B 151 10.52 -9.03 25.03
N GLU B 152 11.13 -9.06 26.23
CA GLU B 152 12.49 -8.53 26.50
C GLU B 152 13.49 -9.03 25.45
N GLU B 153 13.24 -10.22 24.86
CA GLU B 153 14.13 -10.85 23.85
C GLU B 153 14.16 -9.95 22.60
N VAL B 154 13.03 -9.29 22.29
CA VAL B 154 12.93 -8.30 21.18
C VAL B 154 13.79 -7.07 21.51
N VAL B 155 13.78 -6.62 22.76
CA VAL B 155 14.61 -5.45 23.18
C VAL B 155 16.08 -5.75 22.85
N GLU B 156 16.60 -6.89 23.33
CA GLU B 156 18.01 -7.24 23.08
C GLU B 156 18.23 -7.41 21.58
N ALA B 157 17.27 -7.95 20.83
CA ALA B 157 17.46 -8.16 19.37
C ALA B 157 17.62 -6.80 18.68
N TYR B 158 16.87 -5.78 19.13
CA TYR B 158 17.02 -4.40 18.60
C TYR B 158 18.39 -3.83 19.01
N ARG B 159 18.87 -4.07 20.23
CA ARG B 159 20.24 -3.59 20.62
C ARG B 159 21.26 -4.10 19.61
N GLU B 160 21.14 -5.36 19.17
CA GLU B 160 22.08 -5.95 18.18
C GLU B 160 21.85 -5.39 16.79
N LEU B 161 20.61 -5.26 16.39
CA LEU B 161 20.33 -4.82 15.01
C LEU B 161 20.88 -3.39 14.84
N LEU B 162 20.78 -2.57 15.91
CA LEU B 162 21.17 -1.13 15.88
C LEU B 162 22.69 -0.97 15.71
N THR B 163 23.47 -2.04 15.87
CA THR B 163 24.92 -2.03 15.55
C THR B 163 25.08 -1.88 14.04
N HIS B 164 24.01 -2.06 13.26
CA HIS B 164 24.07 -2.05 11.78
C HIS B 164 23.21 -0.93 11.17
N ALA B 165 22.52 -0.10 11.96
CA ALA B 165 21.61 0.93 11.42
C ALA B 165 22.40 2.17 10.98
N ASP B 166 21.94 2.87 9.95
CA ASP B 166 22.48 4.20 9.55
C ASP B 166 21.73 5.28 10.33
N VAL B 167 20.43 5.11 10.49
CA VAL B 167 19.54 6.10 11.18
C VAL B 167 18.62 5.32 12.10
N ALA B 168 18.43 5.76 13.35
CA ALA B 168 17.41 5.18 14.25
C ALA B 168 16.43 6.27 14.68
N THR B 169 15.15 5.94 14.78
CA THR B 169 14.10 6.92 15.10
C THR B 169 13.25 6.42 16.26
N PRO B 170 13.87 6.11 17.43
CA PRO B 170 13.09 5.71 18.60
C PRO B 170 12.16 6.84 19.10
N ASN B 171 11.03 6.46 19.69
CA ASN B 171 10.25 7.36 20.57
C ASN B 171 11.01 7.39 21.92
N TYR B 172 10.61 8.23 22.86
CA TYR B 172 11.45 8.43 24.06
C TYR B 172 11.43 7.14 24.88
N PHE B 173 10.31 6.42 24.83
CA PHE B 173 10.18 5.16 25.59
C PHE B 173 11.18 4.11 25.06
N GLU B 174 11.29 3.96 23.73
CA GLU B 174 12.23 2.99 23.13
C GLU B 174 13.67 3.42 23.41
N ALA B 175 13.97 4.71 23.35
CA ALA B 175 15.34 5.20 23.54
C ALA B 175 15.75 4.90 24.98
N SER B 176 14.79 5.02 25.89
CA SER B 176 14.94 4.82 27.37
C SER B 176 15.24 3.34 27.63
N ILE B 177 14.42 2.44 27.10
CA ILE B 177 14.62 0.97 27.40
C ILE B 177 15.88 0.47 26.71
N LEU B 178 16.24 0.92 25.50
CA LEU B 178 17.46 0.42 24.80
C LEU B 178 18.73 0.90 25.52
N SER B 179 18.80 2.16 25.90
CA SER B 179 20.01 2.78 26.49
C SER B 179 20.09 2.55 28.01
N THR B 180 18.95 2.25 28.66
CA THR B 180 18.72 2.28 30.13
C THR B 180 18.88 3.71 30.68
N VAL B 181 18.76 4.76 29.87
CA VAL B 181 18.69 6.17 30.37
C VAL B 181 17.23 6.62 30.32
N GLU B 182 16.61 7.03 31.45
CA GLU B 182 15.26 7.65 31.44
C GLU B 182 15.36 8.97 30.65
N VAL B 183 14.73 9.04 29.48
CA VAL B 183 14.77 10.27 28.63
C VAL B 183 13.65 11.19 29.12
N LYS B 184 14.01 12.26 29.83
CA LYS B 184 13.06 13.15 30.52
C LYS B 184 13.39 14.62 30.18
N ASP B 185 14.51 14.87 29.49
CA ASP B 185 15.05 16.23 29.21
C ASP B 185 16.15 16.14 28.17
N LEU B 186 16.72 17.28 27.77
CA LEU B 186 17.74 17.32 26.69
C LEU B 186 18.99 16.56 27.16
N ALA B 187 19.48 16.79 28.38
CA ALA B 187 20.70 16.11 28.91
C ALA B 187 20.55 14.60 28.78
N SER B 188 19.45 14.05 29.26
CA SER B 188 19.19 12.60 29.29
C SER B 188 18.92 12.09 27.87
N ALA B 189 18.21 12.82 27.03
CA ALA B 189 18.09 12.49 25.57
C ALA B 189 19.48 12.31 24.96
N ILE B 190 20.41 13.22 25.29
CA ILE B 190 21.79 13.20 24.73
C ILE B 190 22.51 11.95 25.24
N GLU B 191 22.32 11.60 26.51
CA GLU B 191 22.97 10.37 27.06
C GLU B 191 22.38 9.16 26.32
N ALA B 192 21.09 9.15 26.07
CA ALA B 192 20.42 8.01 25.39
C ALA B 192 20.94 7.91 23.97
N ALA B 193 20.92 9.02 23.20
CA ALA B 193 21.50 9.12 21.84
C ALA B 193 22.95 8.62 21.85
N ASN B 194 23.75 9.02 22.86
CA ASN B 194 25.21 8.67 22.88
C ASN B 194 25.33 7.15 22.97
N TRP B 195 24.43 6.51 23.70
CA TRP B 195 24.37 5.03 23.73
C TRP B 195 24.23 4.50 22.30
N PHE B 196 23.30 5.04 21.51
CA PHE B 196 23.02 4.55 20.13
C PHE B 196 24.30 4.66 19.31
N HIS B 197 25.02 5.79 19.44
CA HIS B 197 26.28 6.02 18.70
C HIS B 197 27.32 4.94 19.06
N THR B 198 27.52 4.70 20.35
CA THR B 198 28.46 3.68 20.89
C THR B 198 28.08 2.31 20.30
N GLN B 199 26.76 2.03 20.23
CA GLN B 199 26.23 0.76 19.70
C GLN B 199 26.54 0.64 18.19
N GLY B 200 26.71 1.75 17.48
CA GLY B 200 27.10 1.79 16.07
C GLY B 200 26.08 2.43 15.14
N THR B 201 25.03 3.08 15.65
CA THR B 201 24.14 3.93 14.82
C THR B 201 24.67 5.35 14.75
N PRO B 202 25.15 5.84 13.59
CA PRO B 202 25.69 7.19 13.51
C PRO B 202 24.67 8.33 13.66
N THR B 203 23.40 8.14 13.24
CA THR B 203 22.38 9.21 13.20
C THR B 203 21.16 8.77 14.03
N VAL B 204 20.76 9.59 15.00
CA VAL B 204 19.65 9.26 15.92
C VAL B 204 18.66 10.42 15.98
N VAL B 205 17.39 10.11 15.83
CA VAL B 205 16.29 11.09 16.11
C VAL B 205 15.47 10.53 17.27
N ILE B 206 15.53 11.18 18.41
CA ILE B 206 14.56 10.96 19.51
C ILE B 206 13.37 11.89 19.20
N LYS B 207 12.26 11.29 18.78
CA LYS B 207 11.24 12.04 18.01
C LYS B 207 10.51 13.06 18.89
N SER B 208 10.30 12.76 20.16
CA SER B 208 9.67 13.70 21.11
C SER B 208 9.87 13.21 22.54
N PHE B 209 10.06 14.17 23.46
CA PHE B 209 9.90 13.92 24.90
C PHE B 209 9.28 15.18 25.53
N ALA B 210 8.49 14.94 26.57
CA ALA B 210 7.87 15.95 27.42
C ALA B 210 8.96 16.51 28.33
N MET B 211 8.77 17.73 28.77
CA MET B 211 9.70 18.42 29.68
C MET B 211 8.91 18.96 30.88
N ALA B 212 9.25 18.53 32.09
CA ALA B 212 8.64 19.01 33.36
C ALA B 212 8.68 20.55 33.35
N ASP B 213 9.80 21.12 32.89
CA ASP B 213 10.07 22.59 33.00
C ASP B 213 9.47 23.34 31.80
N ASP B 214 8.81 22.67 30.85
CA ASP B 214 8.24 23.30 29.63
C ASP B 214 7.04 22.46 29.16
N PRO B 215 5.94 22.52 29.94
CA PRO B 215 4.79 21.65 29.71
C PRO B 215 4.02 21.85 28.40
N THR B 216 4.15 22.97 27.68
CA THR B 216 3.35 23.19 26.44
C THR B 216 4.11 22.75 25.19
N HIS B 217 5.33 22.21 25.34
CA HIS B 217 6.17 21.79 24.19
C HIS B 217 6.57 20.33 24.34
N LEU B 218 6.79 19.68 23.20
CA LEU B 218 7.61 18.46 23.08
C LEU B 218 8.95 18.83 22.41
N ARG B 219 10.04 18.29 22.97
CA ARG B 219 11.40 18.51 22.43
C ARG B 219 11.81 17.28 21.63
N PHE B 220 12.56 17.50 20.55
CA PHE B 220 13.21 16.41 19.80
C PHE B 220 14.71 16.65 19.85
N LEU B 221 15.47 15.59 19.56
CA LEU B 221 16.94 15.64 19.44
C LEU B 221 17.34 14.92 18.15
N LEU B 222 18.22 15.55 17.38
CA LEU B 222 18.93 14.93 16.24
C LEU B 222 20.40 14.90 16.61
N SER B 223 20.98 13.71 16.69
CA SER B 223 22.39 13.49 17.10
C SER B 223 23.14 12.74 15.99
N CYS B 224 24.24 13.31 15.50
CA CYS B 224 24.96 12.87 14.29
C CYS B 224 26.42 12.66 14.66
N ARG B 225 26.82 11.41 14.89
CA ARG B 225 28.23 11.02 15.13
C ARG B 225 28.97 10.83 13.80
N ASP B 226 30.16 11.42 13.69
CA ASP B 226 31.07 11.26 12.53
C ASP B 226 31.84 9.93 12.67
N THR B 229 36.25 11.26 12.93
CA THR B 229 36.64 12.28 13.95
C THR B 229 36.20 11.85 15.36
N GLY B 230 35.11 11.10 15.49
CA GLY B 230 34.41 10.81 16.76
C GLY B 230 33.58 12.00 17.25
N SER B 231 33.44 13.06 16.45
CA SER B 231 32.70 14.29 16.85
C SER B 231 31.21 14.01 16.68
N THR B 232 30.38 14.69 17.47
CA THR B 232 28.90 14.55 17.48
C THR B 232 28.32 15.93 17.22
N LYS B 233 27.58 16.13 16.12
CA LYS B 233 26.79 17.36 15.88
C LYS B 233 25.38 17.08 16.43
N ARG B 234 24.92 17.94 17.33
CA ARG B 234 23.60 17.78 17.98
C ARG B 234 22.72 18.97 17.59
N TYR B 235 21.44 18.69 17.36
CA TYR B 235 20.42 19.69 17.04
C TYR B 235 19.17 19.41 17.88
N THR B 236 18.48 20.47 18.27
CA THR B 236 17.22 20.35 19.02
C THR B 236 16.24 21.38 18.51
N GLY B 237 15.01 21.15 18.90
CA GLY B 237 13.89 22.08 18.73
C GLY B 237 12.68 21.49 19.38
N VAL B 238 11.53 22.12 19.11
CA VAL B 238 10.27 21.81 19.83
C VAL B 238 9.15 21.82 18.82
N VAL B 239 8.07 21.18 19.21
CA VAL B 239 6.76 21.36 18.57
C VAL B 239 5.80 21.63 19.71
N PRO B 240 4.62 22.20 19.41
CA PRO B 240 3.60 22.34 20.44
C PRO B 240 3.19 20.97 21.01
N TYR B 241 2.99 20.85 22.32
CA TYR B 241 2.47 19.60 22.92
C TYR B 241 0.96 19.60 22.75
N HIS B 242 0.41 19.00 21.67
CA HIS B 242 -1.07 18.94 21.48
C HIS B 242 -1.70 17.91 22.44
N GLU B 243 -2.89 18.25 22.96
CA GLU B 243 -3.69 17.34 23.83
C GLU B 243 -4.09 16.10 23.01
N GLY B 244 -4.22 14.99 23.72
CA GLY B 244 -4.76 13.74 23.13
C GLY B 244 -3.62 12.81 22.75
N ARG B 245 -3.99 11.64 22.25
CA ARG B 245 -3.02 10.57 21.88
C ARG B 245 -3.29 10.27 20.40
N TYR B 246 -2.24 9.97 19.65
CA TYR B 246 -2.31 9.75 18.19
C TYR B 246 -1.58 8.44 17.92
N THR B 247 -2.15 7.62 17.03
CA THR B 247 -1.49 6.40 16.52
C THR B 247 -0.88 6.73 15.17
N GLY B 248 0.24 6.08 14.88
CA GLY B 248 0.86 6.11 13.57
C GLY B 248 1.73 7.34 13.41
N THR B 249 1.88 8.17 14.45
CA THR B 249 2.68 9.43 14.37
C THR B 249 4.11 9.05 14.03
N GLY B 250 4.72 8.11 14.75
CA GLY B 250 6.12 7.71 14.46
C GLY B 250 6.26 7.14 13.07
N ASP B 251 5.24 6.41 12.62
CA ASP B 251 5.32 5.68 11.33
C ASP B 251 5.29 6.70 10.20
N VAL B 252 4.43 7.70 10.28
CA VAL B 252 4.37 8.76 9.23
C VAL B 252 5.67 9.57 9.35
N PHE B 253 6.14 9.78 10.57
CA PHE B 253 7.37 10.59 10.82
C PHE B 253 8.58 9.94 10.13
N ALA B 254 8.82 8.64 10.35
CA ALA B 254 10.00 7.95 9.78
C ALA B 254 9.91 7.93 8.24
N ALA B 255 8.73 7.66 7.68
CA ALA B 255 8.49 7.63 6.22
C ALA B 255 8.78 9.00 5.62
N SER B 256 8.29 10.02 6.28
CA SER B 256 8.50 11.45 5.86
C SER B 256 9.98 11.78 5.95
N LEU B 257 10.65 11.33 7.01
CA LEU B 257 12.10 11.56 7.20
C LEU B 257 12.90 10.92 6.06
N VAL B 258 12.59 9.68 5.70
CA VAL B 258 13.24 9.01 4.54
C VAL B 258 13.07 9.87 3.27
N ALA B 259 11.85 10.35 3.04
CA ALA B 259 11.50 11.14 1.84
C ALA B 259 12.36 12.39 1.81
N PHE B 260 12.37 13.16 2.90
CA PHE B 260 13.04 14.50 2.95
C PHE B 260 14.58 14.36 2.96
N ALA B 261 15.10 13.36 3.66
CA ALA B 261 16.53 13.09 3.86
C ALA B 261 17.18 12.66 2.54
N HIS B 262 16.39 12.17 1.59
CA HIS B 262 16.87 11.84 0.22
C HIS B 262 17.47 13.08 -0.43
N SER B 263 16.86 14.26 -0.28
CA SER B 263 17.34 15.48 -0.99
C SER B 263 17.83 16.57 -0.02
N ASP B 264 17.58 16.50 1.28
CA ASP B 264 17.91 17.57 2.26
C ASP B 264 18.95 17.07 3.25
N PRO B 265 19.77 17.98 3.82
CA PRO B 265 20.59 17.62 4.96
C PRO B 265 19.65 17.15 6.10
N MET B 266 20.16 16.26 6.97
CA MET B 266 19.31 15.56 7.98
C MET B 266 18.58 16.59 8.87
N ASP B 267 19.23 17.70 9.25
CA ASP B 267 18.62 18.71 10.15
C ASP B 267 17.37 19.30 9.48
N LEU B 268 17.44 19.69 8.21
CA LEU B 268 16.31 20.29 7.48
C LEU B 268 15.24 19.21 7.21
N ALA B 269 15.66 17.96 6.98
CA ALA B 269 14.77 16.80 6.76
C ALA B 269 13.93 16.56 8.03
N VAL B 270 14.56 16.56 9.20
CA VAL B 270 13.83 16.47 10.49
C VAL B 270 12.84 17.63 10.60
N GLY B 271 13.22 18.84 10.19
CA GLY B 271 12.34 20.01 10.34
C GLY B 271 11.08 19.83 9.50
N LYS B 272 11.24 19.37 8.26
CA LYS B 272 10.11 19.16 7.34
C LYS B 272 9.22 18.04 7.88
N ALA B 273 9.81 16.93 8.29
CA ALA B 273 9.08 15.75 8.83
C ALA B 273 8.25 16.20 10.05
N MET B 274 8.84 16.98 10.94
CA MET B 274 8.10 17.49 12.12
C MET B 274 6.92 18.33 11.64
N GLY B 275 7.13 19.21 10.65
CA GLY B 275 6.06 20.07 10.11
C GLY B 275 4.93 19.25 9.50
N VAL B 276 5.24 18.16 8.83
CA VAL B 276 4.24 17.23 8.24
C VAL B 276 3.37 16.71 9.39
N LEU B 277 4.00 16.21 10.45
CA LEU B 277 3.28 15.66 11.63
C LEU B 277 2.42 16.75 12.28
N GLN B 278 2.96 17.97 12.45
CA GLN B 278 2.17 19.06 13.05
C GLN B 278 0.95 19.42 12.19
N ASP B 279 1.06 19.48 10.86
CA ASP B 279 -0.12 19.71 9.98
C ASP B 279 -1.13 18.58 10.23
N LEU B 280 -0.70 17.32 10.24
CA LEU B 280 -1.65 16.16 10.37
C LEU B 280 -2.35 16.19 11.72
N ILE B 281 -1.62 16.44 12.80
CA ILE B 281 -2.22 16.49 14.15
C ILE B 281 -3.24 17.64 14.24
N LYS B 282 -2.88 18.83 13.77
CA LYS B 282 -3.74 20.05 13.89
C LYS B 282 -4.99 19.88 13.03
N ALA B 283 -4.87 19.20 11.88
CA ALA B 283 -6.01 18.80 11.02
C ALA B 283 -6.92 17.88 11.85
N THR B 284 -6.37 16.80 12.43
CA THR B 284 -7.16 15.84 13.24
C THR B 284 -7.93 16.60 14.34
N ILE B 285 -7.33 17.63 14.95
CA ILE B 285 -7.95 18.42 16.06
C ILE B 285 -9.12 19.25 15.52
N GLU B 286 -8.99 19.90 14.34
CA GLU B 286 -10.11 20.56 13.59
C GLU B 286 -11.14 19.51 13.10
N ARG B 287 -10.82 18.73 12.05
CA ARG B 287 -11.67 17.62 11.54
N ARG B 298 -7.70 10.26 17.22
CA ARG B 298 -6.59 9.31 17.51
C ARG B 298 -6.01 8.75 16.19
N GLU B 299 -6.84 8.52 15.15
CA GLU B 299 -6.37 7.97 13.83
C GLU B 299 -5.95 9.13 12.93
N LEU B 300 -4.71 9.11 12.44
CA LEU B 300 -4.22 10.12 11.46
C LEU B 300 -4.87 9.87 10.09
N ARG B 301 -5.49 10.89 9.53
CA ARG B 301 -6.13 10.88 8.19
C ARG B 301 -5.02 11.11 7.15
N VAL B 302 -4.11 10.17 7.00
CA VAL B 302 -2.84 10.39 6.24
C VAL B 302 -3.17 10.80 4.80
N THR B 303 -4.23 10.25 4.24
CA THR B 303 -4.72 10.35 2.84
C THR B 303 -5.34 11.73 2.55
N SER B 304 -5.78 12.49 3.56
CA SER B 304 -6.73 13.61 3.33
C SER B 304 -5.99 14.89 2.90
N TYR B 305 -4.72 15.05 3.24
CA TYR B 305 -3.95 16.31 3.00
C TYR B 305 -2.70 16.01 2.20
N PRO B 306 -2.83 15.51 0.95
CA PRO B 306 -1.66 15.11 0.17
C PRO B 306 -0.68 16.27 -0.03
N ASP B 307 -1.17 17.51 -0.27
CA ASP B 307 -0.29 18.72 -0.38
C ASP B 307 0.58 18.85 0.87
N ARG B 308 -0.01 18.69 2.05
CA ARG B 308 0.61 18.88 3.39
C ARG B 308 1.70 17.81 3.64
N LEU B 309 1.56 16.62 3.07
CA LEU B 309 2.58 15.53 3.19
C LEU B 309 3.85 15.92 2.41
N GLN B 310 3.73 16.68 1.33
CA GLN B 310 4.90 17.04 0.48
C GLN B 310 5.51 18.40 0.90
N HIS B 311 4.65 19.37 1.20
CA HIS B 311 5.04 20.77 1.50
C HIS B 311 4.34 21.18 2.77
N PRO B 312 4.87 20.85 3.97
CA PRO B 312 4.17 21.17 5.21
C PRO B 312 4.01 22.68 5.38
N SER B 313 2.92 23.12 6.02
CA SER B 313 2.54 24.56 6.11
C SER B 313 3.65 25.33 6.82
N SER B 314 4.30 24.73 7.83
CA SER B 314 5.57 25.24 8.40
C SER B 314 6.53 24.08 8.70
N VAL B 315 7.80 24.40 8.84
CA VAL B 315 8.88 23.47 9.24
C VAL B 315 9.17 23.81 10.70
N ALA B 316 9.55 22.84 11.52
CA ALA B 316 10.11 23.08 12.87
C ALA B 316 11.55 23.56 12.70
N LEU B 317 11.96 24.56 13.48
CA LEU B 317 13.39 24.97 13.60
C LEU B 317 14.14 23.78 14.16
N VAL B 318 15.24 23.43 13.52
CA VAL B 318 16.18 22.40 14.00
C VAL B 318 17.52 23.11 14.15
N THR B 319 17.88 23.47 15.38
CA THR B 319 18.98 24.43 15.66
C THR B 319 20.15 23.67 16.25
N PRO B 320 21.41 23.94 15.84
CA PRO B 320 22.57 23.27 16.42
C PRO B 320 22.75 23.58 17.89
N LEU B 321 23.21 22.59 18.68
CA LEU B 321 23.61 22.83 20.09
C LEU B 321 25.11 23.13 20.11
N PRO B 322 25.57 23.95 21.07
CA PRO B 322 26.98 24.35 21.09
C PRO B 322 27.92 23.26 21.65
#